data_8CEF
#
_entry.id   8CEF
#
_cell.length_a   167.846
_cell.length_b   70.747
_cell.length_c   94.719
_cell.angle_alpha   90.00
_cell.angle_beta   90.00
_cell.angle_gamma   90.00
#
_symmetry.space_group_name_H-M   'P 21 21 2'
#
loop_
_entity.id
_entity.type
_entity.pdbx_description
1 polymer 'DNA (26-MER)'
2 polymer 'DNA (26-MER)'
3 polymer 'Nuclear receptor DNA binding domain'
4 non-polymer 'ZINC ION'
5 water water
#
loop_
_entity_poly.entity_id
_entity_poly.type
_entity_poly.pdbx_seq_one_letter_code
_entity_poly.pdbx_strand_id
1 'polydeoxyribonucleotide'
;(DA)(DT)(DG)(DT)(DC)(DA)(DA)(DG)(DG)(DT)(DC)(DA)(DC)(DC)(DG)(DT)(DG)(DA)(DC)(DC)
(DT)(DT)(DT)(DA)(DC)(DG)
;
A,E
2 'polydeoxyribonucleotide'
;(DT)(DC)(DG)(DT)(DA)(DA)(DA)(DG)(DG)(DT)(DC)(DA)(DC)(DG)(DG)(DT)(DG)(DA)(DC)(DC)
(DT)(DT)(DG)(DA)(DC)(DA)
;
B,F
3 'polypeptide(L)'
;MGSSHHHHHHSSGTGSGLVPRGSHMVLSSLPKRLCLVCGDVASGYHYGVASCEACKAFFKRTIQGSIEYSCPASNECEIT
KRRRKACQACRFTKCLRVGMLKEGVRLDRVRGGRQKYKRRPEVDPL
;
C,D,G,H,J,K
#
# COMPACT_ATOMS: atom_id res chain seq x y z
N LEU C 30 31.77 -9.31 -9.48
CA LEU C 30 31.39 -10.73 -9.41
C LEU C 30 29.94 -10.99 -8.89
N PRO C 31 29.38 -10.25 -7.90
CA PRO C 31 28.02 -10.57 -7.43
C PRO C 31 26.94 -10.41 -8.49
N LYS C 32 25.90 -11.22 -8.37
CA LYS C 32 24.79 -11.17 -9.30
C LYS C 32 23.96 -9.93 -9.08
N ARG C 33 23.27 -9.49 -10.15
CA ARG C 33 22.34 -8.35 -10.11
C ARG C 33 21.15 -8.84 -9.29
N LEU C 34 20.63 -7.99 -8.40
CA LEU C 34 19.52 -8.40 -7.54
C LEU C 34 18.19 -7.78 -7.89
N CYS C 35 17.11 -8.47 -7.56
CA CYS C 35 15.75 -8.02 -7.75
C CYS C 35 15.51 -6.83 -6.83
N LEU C 36 15.16 -5.68 -7.42
CA LEU C 36 14.89 -4.50 -6.63
C LEU C 36 13.68 -4.63 -5.69
N VAL C 37 12.82 -5.65 -5.90
CA VAL C 37 11.66 -5.84 -5.07
C VAL C 37 11.93 -6.75 -3.86
N CYS C 38 12.59 -7.88 -4.03
CA CYS C 38 12.77 -8.82 -2.92
C CYS C 38 14.19 -9.20 -2.60
N GLY C 39 15.14 -8.79 -3.43
CA GLY C 39 16.53 -9.16 -3.20
C GLY C 39 16.91 -10.55 -3.71
N ASP C 40 15.98 -11.25 -4.39
CA ASP C 40 16.31 -12.55 -4.98
C ASP C 40 17.18 -12.25 -6.21
N VAL C 41 17.90 -13.25 -6.74
CA VAL C 41 18.74 -13.06 -7.91
C VAL C 41 17.89 -12.64 -9.10
N ALA C 42 18.12 -11.45 -9.66
CA ALA C 42 17.34 -10.95 -10.78
C ALA C 42 17.61 -11.77 -12.02
N SER C 43 16.56 -12.06 -12.78
CA SER C 43 16.70 -12.80 -14.02
C SER C 43 16.85 -11.87 -15.25
N GLY C 44 16.63 -10.57 -15.08
CA GLY C 44 16.75 -9.59 -16.14
C GLY C 44 16.03 -8.29 -15.80
N TYR C 45 15.77 -7.46 -16.80
CA TYR C 45 15.08 -6.19 -16.60
C TYR C 45 13.59 -6.30 -17.01
N HIS C 46 12.75 -6.81 -16.09
CA HIS C 46 11.32 -7.03 -16.33
C HIS C 46 10.54 -5.78 -16.02
N TYR C 47 9.73 -5.30 -16.96
CA TYR C 47 8.89 -4.12 -16.83
C TYR C 47 9.64 -2.85 -16.42
N GLY C 48 10.90 -2.76 -16.83
CA GLY C 48 11.72 -1.60 -16.57
C GLY C 48 12.77 -1.75 -15.48
N VAL C 49 12.56 -2.69 -14.52
CA VAL C 49 13.51 -2.83 -13.41
C VAL C 49 14.20 -4.17 -13.35
N ALA C 50 15.35 -4.24 -12.67
CA ALA C 50 16.09 -5.46 -12.39
C ALA C 50 15.22 -6.28 -11.47
N SER C 51 14.60 -7.28 -12.01
CA SER C 51 13.64 -8.08 -11.28
C SER C 51 13.88 -9.58 -11.47
N CYS C 52 13.34 -10.39 -10.55
CA CYS C 52 13.43 -11.84 -10.60
C CYS C 52 12.15 -12.40 -11.25
N GLU C 53 12.14 -13.71 -11.58
CA GLU C 53 10.96 -14.32 -12.20
C GLU C 53 9.73 -14.25 -11.30
N ALA C 54 9.90 -14.48 -9.98
CA ALA C 54 8.78 -14.45 -9.06
C ALA C 54 8.04 -13.10 -9.03
N CYS C 55 8.76 -11.99 -8.89
CA CYS C 55 8.17 -10.66 -8.86
C CYS C 55 7.61 -10.26 -10.24
N LYS C 56 8.26 -10.70 -11.32
CA LYS C 56 7.79 -10.43 -12.67
C LYS C 56 6.39 -11.02 -12.87
N ALA C 57 6.20 -12.28 -12.46
CA ALA C 57 4.92 -12.95 -12.60
C ALA C 57 3.89 -12.33 -11.70
N PHE C 58 4.27 -11.98 -10.46
CA PHE C 58 3.35 -11.35 -9.50
C PHE C 58 2.83 -10.01 -10.05
N PHE C 59 3.74 -9.18 -10.58
CA PHE C 59 3.35 -7.92 -11.18
C PHE C 59 2.41 -8.16 -12.38
N LYS C 60 2.78 -9.07 -13.29
CA LYS C 60 1.98 -9.41 -14.46
C LYS C 60 0.56 -9.85 -14.05
N ARG C 61 0.45 -10.82 -13.13
CA ARG C 61 -0.84 -11.32 -12.67
C ARG C 61 -1.71 -10.21 -12.09
N THR C 62 -1.11 -9.32 -11.30
CA THR C 62 -1.81 -8.22 -10.66
C THR C 62 -2.38 -7.26 -11.66
N ILE C 63 -1.57 -6.81 -12.63
CA ILE C 63 -2.00 -5.87 -13.66
C ILE C 63 -3.03 -6.48 -14.58
N GLN C 64 -2.76 -7.71 -15.04
CA GLN C 64 -3.64 -8.45 -15.95
C GLN C 64 -5.01 -8.67 -15.35
N GLY C 65 -5.06 -9.00 -14.07
CA GLY C 65 -6.32 -9.28 -13.41
C GLY C 65 -6.90 -8.12 -12.63
N SER C 66 -6.25 -6.94 -12.65
CA SER C 66 -6.65 -5.74 -11.89
C SER C 66 -6.93 -6.10 -10.43
N ILE C 67 -6.02 -6.88 -9.86
CA ILE C 67 -6.16 -7.40 -8.51
C ILE C 67 -5.85 -6.32 -7.49
N GLU C 68 -6.73 -6.20 -6.49
CA GLU C 68 -6.55 -5.21 -5.45
C GLU C 68 -6.25 -5.88 -4.13
N TYR C 69 -5.16 -5.49 -3.48
CA TYR C 69 -4.73 -6.07 -2.20
C TYR C 69 -4.84 -5.06 -1.08
N SER C 70 -4.93 -5.55 0.16
CA SER C 70 -4.97 -4.65 1.32
C SER C 70 -3.93 -5.07 2.34
N CYS C 71 -3.26 -4.08 3.00
CA CYS C 71 -2.25 -4.40 3.99
C CYS C 71 -2.85 -4.51 5.37
N PRO C 72 -2.64 -5.66 6.05
CA PRO C 72 -3.19 -5.82 7.41
C PRO C 72 -2.47 -5.01 8.49
N ALA C 73 -1.23 -4.56 8.18
CA ALA C 73 -0.40 -3.85 9.13
C ALA C 73 -0.31 -2.32 8.74
N SER C 74 0.86 -1.63 8.68
CA SER C 74 0.94 -0.20 8.42
C SER C 74 1.62 0.14 7.12
N ASN C 75 1.44 -0.70 6.12
CA ASN C 75 1.99 -0.50 4.80
C ASN C 75 3.52 -0.42 4.74
N GLU C 76 4.22 -1.21 5.56
CA GLU C 76 5.67 -1.23 5.49
C GLU C 76 6.25 -2.59 5.82
N CYS C 77 5.62 -3.65 5.31
CA CYS C 77 6.05 -5.03 5.47
C CYS C 77 7.36 -5.28 4.73
N GLU C 78 8.27 -6.06 5.33
CA GLU C 78 9.55 -6.36 4.71
C GLU C 78 9.32 -7.28 3.54
N ILE C 79 9.74 -6.88 2.34
CA ILE C 79 9.57 -7.73 1.14
C ILE C 79 10.92 -8.33 0.79
N THR C 80 11.16 -9.56 1.21
CA THR C 80 12.41 -10.29 0.95
C THR C 80 12.08 -11.59 0.16
N LYS C 81 13.10 -12.37 -0.31
CA LYS C 81 12.81 -13.64 -0.99
C LYS C 81 12.01 -14.58 -0.05
N ARG C 82 12.29 -14.52 1.27
CA ARG C 82 11.52 -15.33 2.23
C ARG C 82 10.09 -14.78 2.43
N ARG C 83 9.97 -13.52 2.78
CA ARG C 83 8.70 -12.86 3.09
C ARG C 83 7.86 -12.31 1.96
N ARG C 84 8.21 -12.54 0.67
CA ARG C 84 7.47 -11.92 -0.42
C ARG C 84 6.02 -12.40 -0.56
N LYS C 85 5.72 -13.64 -0.11
CA LYS C 85 4.34 -14.14 -0.21
C LYS C 85 3.45 -13.54 0.91
N ALA C 86 4.06 -13.11 2.03
CA ALA C 86 3.36 -12.61 3.22
C ALA C 86 2.48 -11.41 2.98
N CYS C 87 2.95 -10.34 2.32
CA CYS C 87 2.08 -9.20 2.06
C CYS C 87 2.03 -8.83 0.60
N GLN C 88 0.94 -9.20 -0.07
CA GLN C 88 0.74 -8.91 -1.46
C GLN C 88 0.62 -7.42 -1.68
N ALA C 89 -0.09 -6.72 -0.78
CA ALA C 89 -0.29 -5.27 -0.90
C ALA C 89 1.04 -4.54 -0.87
N CYS C 90 1.94 -4.88 0.08
CA CYS C 90 3.24 -4.26 0.19
C CYS C 90 4.17 -4.67 -0.92
N ARG C 91 4.04 -5.89 -1.43
CA ARG C 91 4.87 -6.36 -2.52
C ARG C 91 4.52 -5.62 -3.80
N PHE C 92 3.23 -5.42 -4.06
CA PHE C 92 2.78 -4.71 -5.26
C PHE C 92 3.14 -3.25 -5.16
N THR C 93 3.02 -2.65 -3.97
CA THR C 93 3.38 -1.27 -3.78
C THR C 93 4.90 -1.09 -3.93
N LYS C 94 5.69 -2.07 -3.46
CA LYS C 94 7.14 -2.00 -3.62
C LYS C 94 7.51 -2.09 -5.08
N CYS C 95 6.75 -2.86 -5.90
CA CYS C 95 6.94 -3.00 -7.34
C CYS C 95 6.84 -1.63 -8.00
N LEU C 96 5.77 -0.90 -7.69
CA LEU C 96 5.55 0.41 -8.25
C LEU C 96 6.58 1.41 -7.73
N ARG C 97 6.91 1.33 -6.45
CA ARG C 97 7.91 2.21 -5.81
C ARG C 97 9.28 2.05 -6.46
N VAL C 98 9.69 0.81 -6.73
CA VAL C 98 10.98 0.51 -7.32
C VAL C 98 11.06 0.87 -8.83
N GLY C 99 9.92 1.12 -9.46
CA GLY C 99 9.88 1.54 -10.86
C GLY C 99 9.27 0.61 -11.89
N MET C 100 8.54 -0.45 -11.46
CA MET C 100 7.92 -1.37 -12.44
C MET C 100 6.82 -0.65 -13.13
N LEU C 101 6.81 -0.72 -14.45
CA LEU C 101 5.80 0.01 -15.22
C LEU C 101 4.62 -0.87 -15.59
N LYS C 102 3.40 -0.46 -15.19
CA LYS C 102 2.21 -1.22 -15.55
C LYS C 102 1.97 -1.22 -17.07
N GLU C 103 2.55 -0.24 -17.79
CA GLU C 103 2.48 -0.17 -19.25
C GLU C 103 3.31 -1.27 -19.93
N GLY C 104 4.21 -1.93 -19.18
CA GLY C 104 5.01 -3.04 -19.67
C GLY C 104 4.24 -4.33 -19.82
N VAL C 105 3.08 -4.46 -19.11
CA VAL C 105 2.22 -5.63 -19.16
C VAL C 105 1.32 -5.42 -20.35
N ARG C 106 1.58 -6.17 -21.42
CA ARG C 106 0.87 -6.06 -22.69
C ARG C 106 -0.61 -6.38 -22.57
N LEU C 107 -1.44 -5.50 -23.12
CA LEU C 107 -2.89 -5.71 -23.13
C LEU C 107 -3.31 -6.65 -24.28
N ASP C 108 -2.56 -6.64 -25.39
CA ASP C 108 -2.82 -7.55 -26.50
C ASP C 108 -2.29 -9.00 -26.24
N ARG C 109 -1.45 -9.18 -25.19
CA ARG C 109 -0.85 -10.43 -24.74
C ARG C 109 0.04 -11.06 -25.80
N VAL C 110 0.94 -10.26 -26.38
CA VAL C 110 1.87 -10.70 -27.41
C VAL C 110 3.27 -11.04 -26.85
N ARG C 111 3.71 -12.31 -27.04
CA ARG C 111 5.03 -12.82 -26.61
C ARG C 111 6.13 -12.39 -27.60
N GLY C 112 7.38 -12.39 -27.15
CA GLY C 112 8.49 -12.03 -28.00
C GLY C 112 8.55 -10.58 -28.44
N GLY C 113 9.34 -10.32 -29.45
CA GLY C 113 9.51 -8.96 -29.95
C GLY C 113 10.76 -8.32 -29.38
N ARG C 114 10.62 -7.10 -28.81
CA ARG C 114 11.68 -6.25 -28.22
C ARG C 114 12.83 -6.04 -29.22
N PRO D 31 -28.37 -12.83 20.34
CA PRO D 31 -27.04 -12.31 19.97
C PRO D 31 -26.11 -13.45 19.57
N LYS D 32 -25.93 -13.67 18.26
CA LYS D 32 -25.12 -14.78 17.74
C LYS D 32 -23.63 -14.72 18.15
N ARG D 33 -23.03 -15.91 18.32
CA ARG D 33 -21.65 -16.16 18.70
C ARG D 33 -20.70 -15.92 17.54
N LEU D 34 -19.69 -15.05 17.73
CA LEU D 34 -18.66 -14.73 16.73
C LEU D 34 -17.31 -15.37 17.05
N CYS D 35 -16.50 -15.62 16.02
CA CYS D 35 -15.18 -16.20 16.15
C CYS D 35 -14.30 -15.18 16.83
N LEU D 36 -13.69 -15.56 17.95
CA LEU D 36 -12.82 -14.65 18.69
C LEU D 36 -11.54 -14.30 17.90
N VAL D 37 -11.20 -15.06 16.85
CA VAL D 37 -9.99 -14.81 16.07
C VAL D 37 -10.20 -13.89 14.87
N CYS D 38 -11.22 -14.14 14.04
CA CYS D 38 -11.44 -13.34 12.84
C CYS D 38 -12.78 -12.60 12.79
N GLY D 39 -13.63 -12.75 13.80
CA GLY D 39 -14.93 -12.09 13.82
C GLY D 39 -15.97 -12.67 12.88
N ASP D 40 -15.63 -13.77 12.19
CA ASP D 40 -16.58 -14.45 11.31
C ASP D 40 -17.56 -15.20 12.21
N VAL D 41 -18.71 -15.64 11.66
CA VAL D 41 -19.70 -16.37 12.46
C VAL D 41 -19.09 -17.68 12.97
N ALA D 42 -19.02 -17.83 14.29
CA ALA D 42 -18.44 -19.01 14.91
C ALA D 42 -19.32 -20.22 14.67
N SER D 43 -18.70 -21.34 14.35
CA SER D 43 -19.42 -22.59 14.13
C SER D 43 -19.56 -23.46 15.42
N GLY D 44 -18.87 -23.06 16.49
CA GLY D 44 -18.89 -23.78 17.75
C GLY D 44 -17.71 -23.43 18.63
N TYR D 45 -17.46 -24.25 19.66
CA TYR D 45 -16.36 -24.02 20.59
C TYR D 45 -15.17 -24.95 20.26
N HIS D 46 -14.34 -24.54 19.27
CA HIS D 46 -13.19 -25.32 18.79
C HIS D 46 -11.97 -25.03 19.61
N TYR D 47 -11.33 -26.07 20.16
CA TYR D 47 -10.13 -26.00 20.99
C TYR D 47 -10.27 -25.06 22.18
N GLY D 48 -11.47 -24.94 22.71
CA GLY D 48 -11.73 -24.12 23.88
C GLY D 48 -12.41 -22.80 23.63
N VAL D 49 -12.30 -22.23 22.41
CA VAL D 49 -12.88 -20.92 22.15
C VAL D 49 -13.96 -20.91 21.08
N ALA D 50 -14.82 -19.86 21.09
CA ALA D 50 -15.85 -19.61 20.09
C ALA D 50 -15.08 -19.30 18.81
N SER D 51 -15.03 -20.28 17.93
CA SER D 51 -14.26 -20.17 16.71
C SER D 51 -15.07 -20.58 15.47
N CYS D 52 -14.62 -20.12 14.30
CA CYS D 52 -15.21 -20.48 13.02
C CYS D 52 -14.45 -21.68 12.41
N GLU D 53 -14.99 -22.31 11.35
CA GLU D 53 -14.32 -23.45 10.73
C GLU D 53 -12.93 -23.10 10.18
N ALA D 54 -12.80 -21.91 9.56
CA ALA D 54 -11.54 -21.48 8.98
C ALA D 54 -10.40 -21.41 10.00
N CYS D 55 -10.63 -20.76 11.15
CA CYS D 55 -9.62 -20.63 12.18
C CYS D 55 -9.34 -21.96 12.87
N LYS D 56 -10.38 -22.81 13.03
CA LYS D 56 -10.23 -24.14 13.63
C LYS D 56 -9.24 -24.97 12.80
N ALA D 57 -9.42 -24.98 11.48
CA ALA D 57 -8.55 -25.75 10.59
C ALA D 57 -7.14 -25.17 10.57
N PHE D 58 -7.01 -23.84 10.56
CA PHE D 58 -5.71 -23.17 10.57
C PHE D 58 -4.93 -23.54 11.84
N PHE D 59 -5.60 -23.51 13.00
CA PHE D 59 -4.99 -23.87 14.27
C PHE D 59 -4.55 -25.34 14.24
N LYS D 60 -5.45 -26.25 13.79
CA LYS D 60 -5.16 -27.67 13.69
C LYS D 60 -3.92 -27.93 12.82
N ARG D 61 -3.88 -27.35 11.61
CA ARG D 61 -2.76 -27.50 10.68
C ARG D 61 -1.44 -27.06 11.28
N THR D 62 -1.45 -25.90 11.99
CA THR D 62 -0.24 -25.37 12.60
C THR D 62 0.29 -26.30 13.68
N ILE D 63 -0.57 -26.73 14.61
CA ILE D 63 -0.15 -27.58 15.71
C ILE D 63 0.31 -28.93 15.21
N GLN D 64 -0.47 -29.52 14.30
CA GLN D 64 -0.18 -30.84 13.72
C GLN D 64 1.17 -30.87 13.03
N GLY D 65 1.49 -29.82 12.30
CA GLY D 65 2.74 -29.77 11.57
C GLY D 65 3.86 -29.00 12.25
N SER D 66 3.62 -28.49 13.49
CA SER D 66 4.58 -27.68 14.25
C SER D 66 5.12 -26.53 13.39
N ILE D 67 4.22 -25.89 12.65
CA ILE D 67 4.56 -24.85 11.70
C ILE D 67 4.91 -23.56 12.38
N GLU D 68 6.01 -22.95 11.97
CA GLU D 68 6.43 -21.70 12.55
C GLU D 68 6.29 -20.57 11.54
N TYR D 69 5.59 -19.51 11.94
CA TYR D 69 5.39 -18.38 11.05
C TYR D 69 6.14 -17.15 11.56
N SER D 70 6.44 -16.22 10.64
CA SER D 70 7.11 -14.98 10.99
C SER D 70 6.31 -13.81 10.42
N CYS D 71 6.18 -12.73 11.19
CA CYS D 71 5.42 -11.58 10.76
C CYS D 71 6.30 -10.61 10.01
N PRO D 72 5.90 -10.24 8.78
CA PRO D 72 6.71 -9.28 8.00
C PRO D 72 6.64 -7.84 8.52
N ALA D 73 5.64 -7.55 9.37
CA ALA D 73 5.44 -6.22 9.89
C ALA D 73 5.83 -6.15 11.43
N SER D 74 5.02 -5.60 12.39
CA SER D 74 5.41 -5.46 13.78
C SER D 74 4.55 -6.28 14.71
N ASN D 75 4.14 -7.44 14.28
CA ASN D 75 3.36 -8.36 15.10
C ASN D 75 2.01 -7.82 15.61
N GLU D 76 1.32 -6.99 14.82
CA GLU D 76 0.01 -6.49 15.20
C GLU D 76 -0.88 -6.26 14.00
N CYS D 77 -0.90 -7.23 13.08
CA CYS D 77 -1.71 -7.20 11.88
C CYS D 77 -3.17 -7.43 12.22
N GLU D 78 -4.07 -6.78 11.46
CA GLU D 78 -5.50 -6.97 11.69
C GLU D 78 -5.91 -8.34 11.20
N ILE D 79 -6.53 -9.13 12.08
CA ILE D 79 -7.02 -10.46 11.71
C ILE D 79 -8.54 -10.42 11.62
N THR D 80 -9.09 -10.22 10.41
CA THR D 80 -10.55 -10.21 10.22
C THR D 80 -10.97 -11.03 8.99
N LYS D 81 -12.22 -11.48 8.95
CA LYS D 81 -12.72 -12.24 7.81
C LYS D 81 -12.86 -11.39 6.54
N ARG D 82 -12.92 -10.06 6.69
CA ARG D 82 -12.98 -9.11 5.58
C ARG D 82 -11.76 -9.26 4.63
N ARG D 83 -10.64 -9.82 5.13
CA ARG D 83 -9.42 -10.03 4.35
C ARG D 83 -9.41 -11.43 3.70
N ARG D 84 -9.17 -11.50 2.37
CA ARG D 84 -9.11 -12.76 1.62
C ARG D 84 -8.00 -13.69 2.14
N LYS D 85 -6.92 -13.10 2.69
CA LYS D 85 -5.73 -13.72 3.24
C LYS D 85 -5.33 -12.97 4.49
N ALA D 86 -4.90 -13.68 5.53
CA ALA D 86 -4.45 -13.07 6.79
C ALA D 86 -2.93 -13.33 7.01
N CYS D 87 -2.28 -12.55 7.92
CA CYS D 87 -0.86 -12.77 8.29
C CYS D 87 -0.89 -14.03 9.13
N GLN D 88 -0.24 -15.11 8.71
CA GLN D 88 -0.28 -16.39 9.42
C GLN D 88 0.30 -16.25 10.80
N ALA D 89 1.40 -15.53 10.93
CA ALA D 89 2.04 -15.37 12.22
C ALA D 89 1.13 -14.66 13.23
N CYS D 90 0.48 -13.58 12.81
CA CYS D 90 -0.42 -12.83 13.68
C CYS D 90 -1.72 -13.59 13.92
N ARG D 91 -2.17 -14.39 12.96
CA ARG D 91 -3.40 -15.17 13.10
C ARG D 91 -3.16 -16.28 14.12
N PHE D 92 -2.01 -16.94 14.06
CA PHE D 92 -1.69 -18.00 15.01
C PHE D 92 -1.48 -17.43 16.40
N THR D 93 -0.84 -16.26 16.49
CA THR D 93 -0.62 -15.61 17.78
C THR D 93 -1.96 -15.15 18.37
N LYS D 94 -2.89 -14.68 17.52
CA LYS D 94 -4.22 -14.29 17.98
C LYS D 94 -5.00 -15.50 18.48
N CYS D 95 -4.81 -16.68 17.82
CA CYS D 95 -5.41 -17.95 18.21
C CYS D 95 -5.02 -18.30 19.64
N LEU D 96 -3.73 -18.17 20.00
CA LEU D 96 -3.22 -18.45 21.34
C LEU D 96 -3.67 -17.39 22.32
N ARG D 97 -3.60 -16.10 21.91
CA ARG D 97 -4.01 -14.97 22.75
C ARG D 97 -5.47 -15.09 23.17
N VAL D 98 -6.36 -15.48 22.23
CA VAL D 98 -7.78 -15.58 22.51
C VAL D 98 -8.14 -16.84 23.34
N GLY D 99 -7.21 -17.78 23.48
CA GLY D 99 -7.43 -18.95 24.34
C GLY D 99 -7.48 -20.31 23.70
N MET D 100 -7.08 -20.46 22.43
CA MET D 100 -7.09 -21.78 21.79
C MET D 100 -6.02 -22.65 22.43
N LEU D 101 -6.39 -23.86 22.86
CA LEU D 101 -5.44 -24.74 23.53
C LEU D 101 -4.82 -25.72 22.58
N LYS D 102 -3.50 -25.70 22.45
CA LYS D 102 -2.80 -26.66 21.59
C LYS D 102 -3.00 -28.12 22.03
N GLU D 103 -3.38 -28.33 23.30
CA GLU D 103 -3.69 -29.66 23.82
C GLU D 103 -4.98 -30.26 23.22
N GLY D 104 -5.80 -29.41 22.60
CA GLY D 104 -7.04 -29.82 21.95
C GLY D 104 -6.82 -30.53 20.61
N VAL D 105 -5.65 -30.30 20.00
CA VAL D 105 -5.29 -30.95 18.74
C VAL D 105 -4.69 -32.29 19.07
N ARG D 106 -5.38 -33.36 18.66
CA ARG D 106 -4.96 -34.73 18.95
C ARG D 106 -3.75 -35.24 18.17
N LEU D 107 -2.85 -35.88 18.91
CA LEU D 107 -1.65 -36.54 18.38
C LEU D 107 -2.09 -37.85 17.67
N ASP D 108 -3.07 -38.57 18.26
CA ASP D 108 -3.51 -39.85 17.72
C ASP D 108 -4.51 -39.77 16.57
N ARG D 109 -4.70 -38.58 15.97
CA ARG D 109 -5.56 -38.34 14.80
C ARG D 109 -6.93 -39.04 14.87
N VAL D 110 -7.58 -39.04 16.04
CA VAL D 110 -8.89 -39.68 16.19
C VAL D 110 -10.03 -38.64 16.13
N ARG D 111 -11.08 -38.89 15.32
CA ARG D 111 -12.18 -37.92 15.18
C ARG D 111 -13.39 -38.27 16.05
N GLY D 112 -14.05 -37.24 16.58
CA GLY D 112 -15.20 -37.42 17.46
C GLY D 112 -14.79 -37.79 18.87
N GLY D 113 -15.73 -37.71 19.80
CA GLY D 113 -15.48 -38.03 21.20
C GLY D 113 -15.13 -36.81 22.03
N ARG D 114 -15.33 -36.88 23.35
CA ARG D 114 -15.01 -35.75 24.22
C ARG D 114 -14.24 -36.17 25.46
N LYS G 32 -12.68 -2.56 24.65
CA LYS G 32 -12.31 -1.20 24.30
C LYS G 32 -13.03 -0.73 23.04
N ARG G 33 -13.70 0.45 23.10
CA ARG G 33 -14.41 0.98 21.94
C ARG G 33 -13.45 1.56 20.88
N LEU G 34 -13.91 1.65 19.63
CA LEU G 34 -13.11 2.14 18.52
C LEU G 34 -13.86 3.19 17.70
N CYS G 35 -13.11 4.05 17.04
CA CYS G 35 -13.62 5.12 16.19
C CYS G 35 -14.24 4.46 14.98
N LEU G 36 -15.53 4.70 14.73
CA LEU G 36 -16.21 4.07 13.59
C LEU G 36 -15.70 4.55 12.22
N VAL G 37 -14.95 5.66 12.17
CA VAL G 37 -14.43 6.19 10.92
C VAL G 37 -13.03 5.64 10.56
N CYS G 38 -12.07 5.70 11.50
CA CYS G 38 -10.71 5.27 11.21
C CYS G 38 -10.29 4.00 11.94
N GLY G 39 -10.95 3.65 13.03
CA GLY G 39 -10.55 2.48 13.81
C GLY G 39 -9.55 2.78 14.91
N ASP G 40 -9.21 4.05 15.11
CA ASP G 40 -8.32 4.46 16.20
C ASP G 40 -9.15 4.36 17.49
N VAL G 41 -8.51 4.38 18.66
CA VAL G 41 -9.24 4.34 19.93
C VAL G 41 -10.15 5.56 20.07
N ALA G 42 -11.46 5.33 20.19
CA ALA G 42 -12.42 6.41 20.30
C ALA G 42 -12.27 7.15 21.62
N SER G 43 -12.35 8.47 21.56
CA SER G 43 -12.27 9.31 22.76
C SER G 43 -13.65 9.61 23.40
N GLY G 44 -14.73 9.26 22.71
CA GLY G 44 -16.10 9.46 23.17
C GLY G 44 -17.10 9.44 22.04
N TYR G 45 -18.29 9.99 22.30
CA TYR G 45 -19.31 10.08 21.28
C TYR G 45 -19.29 11.49 20.75
N HIS G 46 -18.69 11.65 19.58
CA HIS G 46 -18.62 12.94 18.93
C HIS G 46 -19.60 12.96 17.78
N TYR G 47 -20.51 13.95 17.78
CA TYR G 47 -21.55 14.15 16.76
C TYR G 47 -22.45 12.93 16.54
N GLY G 48 -22.66 12.16 17.60
CA GLY G 48 -23.52 11.00 17.54
C GLY G 48 -22.85 9.65 17.47
N VAL G 49 -21.59 9.59 16.99
CA VAL G 49 -20.91 8.29 16.87
C VAL G 49 -19.66 8.16 17.74
N ALA G 50 -19.25 6.90 18.01
CA ALA G 50 -18.04 6.55 18.73
C ALA G 50 -16.90 6.97 17.83
N SER G 51 -16.30 8.10 18.16
CA SER G 51 -15.27 8.68 17.33
C SER G 51 -14.02 9.06 18.12
N CYS G 52 -12.91 9.21 17.41
CA CYS G 52 -11.64 9.63 18.00
C CYS G 52 -11.50 11.17 17.82
N GLU G 53 -10.50 11.79 18.48
CA GLU G 53 -10.32 13.23 18.38
C GLU G 53 -10.01 13.68 16.96
N ALA G 54 -9.19 12.90 16.23
CA ALA G 54 -8.80 13.24 14.86
C ALA G 54 -10.02 13.38 13.93
N CYS G 55 -10.91 12.38 13.90
CA CYS G 55 -12.08 12.41 13.05
C CYS G 55 -13.10 13.46 13.51
N LYS G 56 -13.20 13.70 14.82
CA LYS G 56 -14.09 14.71 15.37
C LYS G 56 -13.72 16.10 14.84
N ALA G 57 -12.42 16.42 14.88
CA ALA G 57 -11.92 17.69 14.40
C ALA G 57 -12.09 17.82 12.89
N PHE G 58 -11.82 16.74 12.15
CA PHE G 58 -11.97 16.74 10.70
C PHE G 58 -13.42 17.01 10.30
N PHE G 59 -14.36 16.36 10.97
CA PHE G 59 -15.78 16.55 10.71
C PHE G 59 -16.18 17.99 11.02
N LYS G 60 -15.77 18.50 12.19
CA LYS G 60 -16.06 19.88 12.62
C LYS G 60 -15.54 20.89 11.58
N ARG G 61 -14.26 20.79 11.19
CA ARG G 61 -13.66 21.69 10.22
C ARG G 61 -14.42 21.71 8.91
N THR G 62 -14.81 20.52 8.45
CA THR G 62 -15.52 20.36 7.19
C THR G 62 -16.88 21.04 7.20
N ILE G 63 -17.67 20.77 8.23
CA ILE G 63 -19.01 21.35 8.34
C ILE G 63 -18.94 22.86 8.57
N GLN G 64 -18.05 23.30 9.45
CA GLN G 64 -17.86 24.71 9.77
C GLN G 64 -17.48 25.52 8.56
N GLY G 65 -16.62 24.97 7.72
CA GLY G 65 -16.17 25.68 6.53
C GLY G 65 -16.88 25.31 5.25
N SER G 66 -17.90 24.42 5.33
CA SER G 66 -18.66 23.91 4.17
C SER G 66 -17.72 23.42 3.08
N ILE G 67 -16.67 22.70 3.51
CA ILE G 67 -15.61 22.23 2.64
C ILE G 67 -16.06 21.05 1.81
N GLU G 68 -15.82 21.13 0.50
CA GLU G 68 -16.18 20.05 -0.39
C GLU G 68 -14.93 19.40 -0.92
N TYR G 69 -14.85 18.08 -0.80
CA TYR G 69 -13.69 17.34 -1.26
C TYR G 69 -13.99 16.49 -2.47
N SER G 70 -12.96 16.13 -3.23
CA SER G 70 -13.11 15.28 -4.39
C SER G 70 -12.14 14.10 -4.27
N CYS G 71 -12.60 12.91 -4.62
CA CYS G 71 -11.78 11.72 -4.52
C CYS G 71 -11.04 11.50 -5.81
N PRO G 72 -9.72 11.34 -5.76
CA PRO G 72 -8.96 11.10 -6.99
C PRO G 72 -9.16 9.68 -7.57
N ALA G 73 -9.70 8.75 -6.79
CA ALA G 73 -9.87 7.38 -7.19
C ALA G 73 -11.41 7.05 -7.42
N SER G 74 -12.01 5.95 -6.90
CA SER G 74 -13.39 5.60 -7.15
C SER G 74 -14.24 5.67 -5.90
N ASN G 75 -13.95 6.60 -5.02
CA ASN G 75 -14.74 6.81 -3.81
C ASN G 75 -14.82 5.63 -2.86
N GLU G 76 -13.74 4.84 -2.74
CA GLU G 76 -13.72 3.74 -1.79
C GLU G 76 -12.31 3.49 -1.25
N CYS G 77 -11.64 4.57 -0.86
CA CYS G 77 -10.31 4.55 -0.26
C CYS G 77 -10.39 4.01 1.15
N GLU G 78 -9.39 3.23 1.57
CA GLU G 78 -9.37 2.70 2.94
C GLU G 78 -9.11 3.83 3.92
N ILE G 79 -10.02 4.03 4.89
CA ILE G 79 -9.86 5.06 5.90
C ILE G 79 -9.45 4.37 7.21
N THR G 80 -8.12 4.30 7.52
CA THR G 80 -7.62 3.67 8.77
C THR G 80 -6.50 4.44 9.44
N LYS G 81 -6.36 4.26 10.78
CA LYS G 81 -5.30 4.88 11.56
C LYS G 81 -3.93 4.39 11.17
N ARG G 82 -3.84 3.16 10.64
CA ARG G 82 -2.57 2.60 10.19
C ARG G 82 -1.91 3.42 9.04
N ARG G 83 -2.60 4.44 8.59
CA ARG G 83 -2.15 5.32 7.53
C ARG G 83 -1.90 6.74 7.95
N ARG G 84 -0.79 7.29 7.52
CA ARG G 84 -0.46 8.64 7.87
C ARG G 84 -1.43 9.67 7.39
N LYS G 85 -1.78 9.59 6.13
CA LYS G 85 -2.67 10.57 5.52
C LYS G 85 -3.94 9.88 5.13
N ALA G 86 -4.96 10.64 4.80
CA ALA G 86 -6.22 9.98 4.47
C ALA G 86 -6.93 10.76 3.34
N CYS G 87 -7.68 10.08 2.45
CA CYS G 87 -8.42 10.75 1.36
C CYS G 87 -9.51 11.53 2.04
N GLN G 88 -9.49 12.86 1.95
CA GLN G 88 -10.45 13.69 2.65
C GLN G 88 -11.87 13.42 2.19
N ALA G 89 -12.06 13.24 0.88
CA ALA G 89 -13.39 12.99 0.34
C ALA G 89 -13.99 11.70 0.89
N CYS G 90 -13.20 10.61 0.92
CA CYS G 90 -13.64 9.32 1.42
C CYS G 90 -13.80 9.34 2.94
N ARG G 91 -12.96 10.11 3.64
CA ARG G 91 -13.04 10.20 5.09
C ARG G 91 -14.31 10.93 5.50
N PHE G 92 -14.65 12.02 4.80
CA PHE G 92 -15.86 12.76 5.10
C PHE G 92 -17.08 11.95 4.75
N THR G 93 -17.05 11.22 3.64
CA THR G 93 -18.17 10.38 3.24
C THR G 93 -18.35 9.24 4.24
N LYS G 94 -17.23 8.67 4.75
CA LYS G 94 -17.31 7.62 5.76
C LYS G 94 -17.90 8.15 7.06
N CYS G 95 -17.63 9.41 7.45
CA CYS G 95 -18.21 9.99 8.65
C CYS G 95 -19.74 10.05 8.53
N LEU G 96 -20.25 10.52 7.38
CA LEU G 96 -21.69 10.58 7.16
C LEU G 96 -22.27 9.18 7.12
N ARG G 97 -21.60 8.26 6.43
CA ARG G 97 -22.04 6.87 6.31
C ARG G 97 -22.15 6.21 7.69
N VAL G 98 -21.17 6.43 8.56
CA VAL G 98 -21.13 5.84 9.90
C VAL G 98 -22.14 6.48 10.87
N GLY G 99 -22.69 7.64 10.53
CA GLY G 99 -23.71 8.28 11.34
C GLY G 99 -23.42 9.62 11.98
N MET G 100 -22.33 10.30 11.59
CA MET G 100 -22.01 11.60 12.17
C MET G 100 -23.05 12.60 11.73
N LEU G 101 -23.60 13.36 12.67
CA LEU G 101 -24.63 14.33 12.35
C LEU G 101 -24.07 15.72 12.13
N LYS G 102 -24.31 16.27 10.92
CA LYS G 102 -23.89 17.62 10.53
C LYS G 102 -24.62 18.74 11.34
N GLU G 103 -25.67 18.37 12.08
CA GLU G 103 -26.42 19.25 12.99
C GLU G 103 -25.72 19.36 14.37
N GLY G 104 -24.79 18.46 14.67
CA GLY G 104 -24.02 18.46 15.91
C GLY G 104 -22.96 19.55 15.96
N VAL G 105 -22.56 20.05 14.79
CA VAL G 105 -21.58 21.12 14.70
C VAL G 105 -22.33 22.46 14.83
N ARG G 106 -22.08 23.17 15.93
CA ARG G 106 -22.71 24.45 16.20
C ARG G 106 -22.37 25.50 15.15
N LEU G 107 -23.35 26.32 14.83
CA LEU G 107 -23.23 27.40 13.85
C LEU G 107 -22.75 28.70 14.52
N ASP G 108 -23.22 28.97 15.75
CA ASP G 108 -22.81 30.15 16.52
C ASP G 108 -21.40 30.04 17.15
N ARG G 109 -20.80 28.83 17.10
CA ARG G 109 -19.48 28.51 17.64
C ARG G 109 -19.38 28.66 19.16
N VAL G 110 -20.39 28.16 19.89
CA VAL G 110 -20.45 28.22 21.35
C VAL G 110 -20.05 26.85 21.94
N ARG G 111 -19.02 26.81 22.81
CA ARG G 111 -18.56 25.56 23.40
C ARG G 111 -19.48 25.03 24.49
N PRO H 31 1.44 26.90 -27.66
CA PRO H 31 2.40 25.81 -27.83
C PRO H 31 3.20 25.49 -26.59
N LYS H 32 2.82 26.07 -25.46
CA LYS H 32 3.51 25.83 -24.20
C LYS H 32 3.35 24.37 -23.86
N ARG H 33 4.42 23.76 -23.37
CA ARG H 33 4.37 22.39 -22.96
C ARG H 33 3.73 22.33 -21.60
N LEU H 34 3.09 21.23 -21.29
CA LEU H 34 2.47 21.06 -19.98
C LEU H 34 3.31 20.12 -19.08
N CYS H 35 2.95 19.97 -17.82
CA CYS H 35 3.65 19.12 -16.88
C CYS H 35 3.20 17.69 -17.16
N LEU H 36 4.14 16.77 -17.43
CA LEU H 36 3.75 15.38 -17.70
C LEU H 36 3.12 14.66 -16.50
N VAL H 37 3.30 15.19 -15.28
CA VAL H 37 2.76 14.57 -14.09
C VAL H 37 1.36 15.08 -13.73
N CYS H 38 1.14 16.39 -13.70
CA CYS H 38 -0.17 16.93 -13.29
C CYS H 38 -0.89 17.77 -14.33
N GLY H 39 -0.22 18.14 -15.41
CA GLY H 39 -0.84 18.99 -16.42
C GLY H 39 -0.79 20.48 -16.14
N ASP H 40 -0.14 20.90 -15.07
CA ASP H 40 0.05 22.33 -14.79
C ASP H 40 1.08 22.83 -15.81
N VAL H 41 1.25 24.17 -15.96
CA VAL H 41 2.24 24.70 -16.91
C VAL H 41 3.64 24.28 -16.49
N ALA H 42 4.35 23.51 -17.34
CA ALA H 42 5.69 23.03 -17.02
C ALA H 42 6.66 24.19 -17.00
N SER H 43 7.53 24.21 -16.01
CA SER H 43 8.53 25.27 -15.88
C SER H 43 9.88 24.92 -16.57
N GLY H 44 10.04 23.68 -17.01
CA GLY H 44 11.24 23.23 -17.66
C GLY H 44 11.39 21.72 -17.63
N TYR H 45 12.61 21.23 -17.85
CA TYR H 45 12.90 19.82 -17.83
C TYR H 45 13.55 19.45 -16.50
N HIS H 46 12.74 19.08 -15.53
CA HIS H 46 13.22 18.70 -14.21
C HIS H 46 13.36 17.21 -14.11
N TYR H 47 14.55 16.73 -13.74
CA TYR H 47 14.90 15.30 -13.61
C TYR H 47 14.63 14.48 -14.85
N GLY H 48 14.76 15.10 -16.01
CA GLY H 48 14.58 14.41 -17.29
C GLY H 48 13.27 14.67 -17.99
N VAL H 49 12.21 15.09 -17.27
CA VAL H 49 10.90 15.30 -17.92
C VAL H 49 10.40 16.72 -17.85
N ALA H 50 9.53 17.12 -18.81
CA ALA H 50 8.87 18.43 -18.83
C ALA H 50 7.93 18.43 -17.64
N SER H 51 8.35 19.09 -16.58
CA SER H 51 7.66 19.10 -15.31
C SER H 51 7.43 20.54 -14.81
N CYS H 52 6.50 20.69 -13.86
CA CYS H 52 6.22 21.97 -13.22
C CYS H 52 7.02 22.07 -11.89
N GLU H 53 7.06 23.26 -11.27
CA GLU H 53 7.79 23.44 -10.01
C GLU H 53 7.25 22.56 -8.90
N ALA H 54 5.91 22.43 -8.81
CA ALA H 54 5.29 21.63 -7.76
C ALA H 54 5.75 20.16 -7.78
N CYS H 55 5.70 19.50 -8.93
CA CYS H 55 6.12 18.11 -9.06
C CYS H 55 7.61 17.93 -8.92
N LYS H 56 8.38 18.91 -9.37
CA LYS H 56 9.84 18.88 -9.23
C LYS H 56 10.22 18.82 -7.75
N ALA H 57 9.60 19.69 -6.92
CA ALA H 57 9.87 19.75 -5.50
C ALA H 57 9.41 18.49 -4.81
N PHE H 58 8.23 17.97 -5.18
CA PHE H 58 7.68 16.74 -4.60
C PHE H 58 8.63 15.57 -4.86
N PHE H 59 9.11 15.43 -6.12
CA PHE H 59 10.03 14.36 -6.48
C PHE H 59 11.33 14.51 -5.67
N LYS H 60 11.90 15.72 -5.62
CA LYS H 60 13.12 16.02 -4.88
C LYS H 60 12.97 15.64 -3.41
N ARG H 61 11.91 16.12 -2.74
CA ARG H 61 11.67 15.83 -1.35
C ARG H 61 11.58 14.34 -1.07
N THR H 62 10.89 13.60 -1.96
CA THR H 62 10.69 12.16 -1.83
C THR H 62 12.00 11.42 -1.89
N ILE H 63 12.82 11.69 -2.91
CA ILE H 63 14.08 11.00 -3.09
C ILE H 63 15.07 11.37 -1.98
N GLN H 64 15.16 12.66 -1.66
CA GLN H 64 16.06 13.20 -0.64
C GLN H 64 15.77 12.59 0.72
N GLY H 65 14.49 12.42 1.05
CA GLY H 65 14.11 11.86 2.34
C GLY H 65 13.80 10.38 2.34
N SER H 66 13.96 9.70 1.17
CA SER H 66 13.64 8.29 0.99
C SER H 66 12.23 7.97 1.49
N ILE H 67 11.29 8.86 1.14
CA ILE H 67 9.92 8.77 1.61
C ILE H 67 9.15 7.71 0.87
N GLU H 68 8.44 6.87 1.62
CA GLU H 68 7.67 5.80 1.06
C GLU H 68 6.19 6.08 1.23
N TYR H 69 5.43 6.03 0.14
CA TYR H 69 3.99 6.27 0.18
C TYR H 69 3.20 5.02 -0.15
N SER H 70 1.94 4.97 0.27
CA SER H 70 1.06 3.83 0.02
C SER H 70 -0.26 4.36 -0.54
N CYS H 71 -0.84 3.67 -1.54
CA CYS H 71 -2.11 4.11 -2.12
C CYS H 71 -3.28 3.50 -1.40
N PRO H 72 -4.21 4.33 -0.91
CA PRO H 72 -5.38 3.80 -0.19
C PRO H 72 -6.41 3.13 -1.08
N ALA H 73 -6.35 3.38 -2.39
CA ALA H 73 -7.31 2.87 -3.34
C ALA H 73 -6.66 1.76 -4.26
N SER H 74 -6.73 1.78 -5.63
CA SER H 74 -6.19 0.72 -6.47
C SER H 74 -5.04 1.19 -7.35
N ASN H 75 -4.25 2.11 -6.87
CA ASN H 75 -3.09 2.59 -7.59
C ASN H 75 -3.37 3.26 -8.93
N GLU H 76 -4.50 3.97 -9.04
CA GLU H 76 -4.78 4.70 -10.27
C GLU H 76 -5.57 5.97 -10.00
N CYS H 77 -5.11 6.75 -9.03
CA CYS H 77 -5.70 8.03 -8.66
C CYS H 77 -5.38 9.08 -9.70
N GLU H 78 -6.27 10.07 -9.81
CA GLU H 78 -6.21 11.23 -10.69
C GLU H 78 -5.16 12.22 -10.30
N ILE H 79 -4.04 12.32 -11.05
CA ILE H 79 -3.00 13.29 -10.71
C ILE H 79 -3.12 14.49 -11.61
N THR H 80 -3.76 15.56 -11.16
CA THR H 80 -3.94 16.76 -11.96
C THR H 80 -3.57 18.02 -11.14
N LYS H 81 -3.49 19.23 -11.74
CA LYS H 81 -3.16 20.45 -11.01
C LYS H 81 -4.02 20.66 -9.75
N ARG H 82 -5.31 20.31 -9.83
CA ARG H 82 -6.23 20.47 -8.72
C ARG H 82 -6.36 19.22 -7.82
N ARG H 83 -5.50 18.21 -7.99
CA ARG H 83 -5.61 16.97 -7.21
C ARG H 83 -4.29 16.23 -7.01
N ARG H 84 -3.17 16.86 -7.32
CA ARG H 84 -1.87 16.24 -7.18
C ARG H 84 -1.51 15.96 -5.72
N LYS H 85 -2.01 16.78 -4.77
CA LYS H 85 -1.75 16.57 -3.35
C LYS H 85 -2.51 15.33 -2.81
N ALA H 86 -3.64 14.96 -3.46
CA ALA H 86 -4.58 13.92 -3.04
C ALA H 86 -3.97 12.57 -2.78
N CYS H 87 -3.12 12.09 -3.68
CA CYS H 87 -2.46 10.82 -3.46
C CYS H 87 -0.97 10.90 -3.75
N GLN H 88 -0.17 10.94 -2.69
CA GLN H 88 1.27 11.02 -2.82
C GLN H 88 1.82 9.77 -3.49
N ALA H 89 1.29 8.61 -3.14
CA ALA H 89 1.76 7.36 -3.73
C ALA H 89 1.55 7.33 -5.23
N CYS H 90 0.36 7.75 -5.70
CA CYS H 90 0.08 7.78 -7.12
C CYS H 90 0.83 8.89 -7.84
N ARG H 91 1.08 10.01 -7.16
CA ARG H 91 1.83 11.11 -7.75
C ARG H 91 3.29 10.71 -7.94
N PHE H 92 3.87 10.03 -6.96
CA PHE H 92 5.26 9.58 -7.07
C PHE H 92 5.38 8.49 -8.12
N THR H 93 4.39 7.58 -8.19
CA THR H 93 4.38 6.53 -9.20
C THR H 93 4.21 7.12 -10.59
N LYS H 94 3.39 8.19 -10.71
CA LYS H 94 3.24 8.86 -12.00
C LYS H 94 4.54 9.55 -12.40
N CYS H 95 5.34 10.05 -11.43
CA CYS H 95 6.65 10.66 -11.69
C CYS H 95 7.54 9.65 -12.39
N LEU H 96 7.65 8.45 -11.80
CA LEU H 96 8.48 7.40 -12.33
C LEU H 96 7.97 6.94 -13.67
N ARG H 97 6.62 6.78 -13.79
CA ARG H 97 5.97 6.34 -15.02
C ARG H 97 6.25 7.31 -16.18
N VAL H 98 6.19 8.60 -15.92
CA VAL H 98 6.39 9.62 -16.92
C VAL H 98 7.91 9.80 -17.29
N GLY H 99 8.83 9.21 -16.53
CA GLY H 99 10.25 9.25 -16.81
C GLY H 99 11.17 10.03 -15.90
N MET H 100 10.73 10.46 -14.70
CA MET H 100 11.58 11.22 -13.79
C MET H 100 12.67 10.32 -13.28
N LEU H 101 13.91 10.79 -13.34
CA LEU H 101 15.04 9.97 -12.91
C LEU H 101 15.47 10.28 -11.49
N LYS H 102 15.45 9.26 -10.61
CA LYS H 102 15.90 9.47 -9.23
C LYS H 102 17.40 9.80 -9.14
N GLU H 103 18.16 9.47 -10.18
CA GLU H 103 19.58 9.81 -10.25
C GLU H 103 19.80 11.34 -10.46
N GLY H 104 18.75 12.08 -10.83
CA GLY H 104 18.79 13.52 -11.00
C GLY H 104 18.82 14.28 -9.69
N VAL H 105 18.37 13.65 -8.60
CA VAL H 105 18.38 14.25 -7.28
C VAL H 105 19.75 13.98 -6.65
N ARG H 106 20.50 15.05 -6.40
CA ARG H 106 21.86 15.02 -5.87
C ARG H 106 21.95 14.62 -4.41
N LEU H 107 22.79 13.63 -4.14
CA LEU H 107 23.00 13.12 -2.79
C LEU H 107 23.84 14.06 -1.94
N ASP H 108 24.82 14.73 -2.57
CA ASP H 108 25.67 15.71 -1.88
C ASP H 108 24.97 17.06 -1.66
N ARG H 109 23.80 17.29 -2.32
CA ARG H 109 22.99 18.50 -2.23
C ARG H 109 23.69 19.76 -2.73
N VAL H 110 24.35 19.65 -3.88
CA VAL H 110 25.10 20.77 -4.46
C VAL H 110 24.30 21.52 -5.52
N ARG H 111 24.17 22.86 -5.38
CA ARG H 111 23.41 23.70 -6.33
C ARG H 111 24.14 23.94 -7.63
N GLY H 112 23.37 24.22 -8.69
CA GLY H 112 23.86 24.55 -10.01
C GLY H 112 24.72 23.54 -10.73
N GLY H 113 25.30 23.95 -11.85
CA GLY H 113 26.12 23.07 -12.65
C GLY H 113 25.32 22.31 -13.68
N ARG H 114 25.86 21.18 -14.15
CA ARG H 114 25.17 20.35 -15.15
C ARG H 114 25.02 18.88 -14.70
N GLN H 115 24.16 18.12 -15.43
CA GLN H 115 23.88 16.72 -15.18
C GLN H 115 23.45 16.08 -16.51
N LYS H 116 24.08 14.97 -16.93
CA LYS H 116 23.71 14.33 -18.20
C LYS H 116 23.15 12.90 -18.05
N TYR H 117 23.08 12.38 -16.81
CA TYR H 117 22.56 11.04 -16.48
C TYR H 117 23.25 9.90 -17.25
N PRO I 31 -6.88 -48.05 -12.42
CA PRO I 31 -6.89 -47.19 -13.61
C PRO I 31 -7.21 -45.76 -13.19
N LYS I 32 -6.18 -44.92 -13.08
CA LYS I 32 -6.37 -43.55 -12.61
C LYS I 32 -7.18 -42.72 -13.62
N ARG I 33 -8.04 -41.83 -13.10
CA ARG I 33 -8.92 -41.00 -13.92
C ARG I 33 -8.12 -40.09 -14.83
N LEU I 34 -8.59 -39.93 -16.07
CA LEU I 34 -7.92 -39.10 -17.04
C LEU I 34 -8.63 -37.78 -17.22
N CYS I 35 -7.87 -36.77 -17.60
CA CYS I 35 -8.34 -35.43 -17.87
C CYS I 35 -9.17 -35.50 -19.12
N LEU I 36 -10.43 -35.05 -19.05
CA LEU I 36 -11.31 -35.07 -20.20
C LEU I 36 -10.89 -34.09 -21.32
N VAL I 37 -9.97 -33.14 -21.02
CA VAL I 37 -9.53 -32.17 -22.02
C VAL I 37 -8.30 -32.62 -22.80
N CYS I 38 -7.23 -33.09 -22.15
CA CYS I 38 -6.00 -33.48 -22.84
C CYS I 38 -5.61 -34.93 -22.69
N GLY I 39 -6.28 -35.67 -21.83
CA GLY I 39 -5.94 -37.06 -21.59
C GLY I 39 -4.78 -37.26 -20.64
N ASP I 40 -4.30 -36.18 -20.00
CA ASP I 40 -3.24 -36.31 -19.01
C ASP I 40 -3.88 -36.88 -17.73
N VAL I 41 -3.08 -37.40 -16.78
CA VAL I 41 -3.63 -37.93 -15.54
C VAL I 41 -4.35 -36.83 -14.76
N ALA I 42 -5.66 -37.00 -14.53
CA ALA I 42 -6.45 -36.00 -13.82
C ALA I 42 -6.05 -35.93 -12.36
N SER I 43 -5.96 -34.71 -11.84
CA SER I 43 -5.63 -34.48 -10.44
C SER I 43 -6.88 -34.37 -9.55
N GLY I 44 -8.05 -34.27 -10.14
CA GLY I 44 -9.30 -34.16 -9.41
C GLY I 44 -10.43 -33.61 -10.28
N TYR I 45 -11.50 -33.13 -9.65
CA TYR I 45 -12.63 -32.59 -10.39
C TYR I 45 -12.58 -31.09 -10.35
N HIS I 46 -11.93 -30.50 -11.33
CA HIS I 46 -11.79 -29.06 -11.40
C HIS I 46 -12.87 -28.49 -12.28
N TYR I 47 -13.62 -27.52 -11.74
CA TYR I 47 -14.74 -26.84 -12.40
C TYR I 47 -15.80 -27.77 -12.95
N GLY I 48 -16.01 -28.89 -12.27
CA GLY I 48 -17.04 -29.84 -12.67
C GLY I 48 -16.57 -31.08 -13.40
N VAL I 49 -15.40 -31.06 -14.03
CA VAL I 49 -14.92 -32.21 -14.78
C VAL I 49 -13.61 -32.80 -14.25
N ALA I 50 -13.37 -34.09 -14.54
CA ALA I 50 -12.13 -34.81 -14.25
C ALA I 50 -11.08 -34.13 -15.10
N SER I 51 -10.29 -33.30 -14.45
CA SER I 51 -9.32 -32.44 -15.09
C SER I 51 -7.95 -32.57 -14.44
N CYS I 52 -6.91 -32.23 -15.20
CA CYS I 52 -5.55 -32.21 -14.69
C CYS I 52 -5.20 -30.76 -14.23
N GLU I 53 -4.06 -30.56 -13.54
CA GLU I 53 -3.68 -29.22 -13.07
C GLU I 53 -3.48 -28.25 -14.22
N ALA I 54 -2.85 -28.72 -15.31
CA ALA I 54 -2.57 -27.86 -16.45
C ALA I 54 -3.84 -27.25 -17.05
N CYS I 55 -4.87 -28.06 -17.34
CA CYS I 55 -6.13 -27.58 -17.91
C CYS I 55 -6.91 -26.75 -16.93
N LYS I 56 -6.85 -27.08 -15.63
CA LYS I 56 -7.52 -26.31 -14.58
C LYS I 56 -7.00 -24.85 -14.57
N ALA I 57 -5.68 -24.69 -14.61
CA ALA I 57 -5.07 -23.37 -14.61
C ALA I 57 -5.38 -22.62 -15.89
N PHE I 58 -5.34 -23.31 -17.03
CA PHE I 58 -5.64 -22.72 -18.32
C PHE I 58 -7.07 -22.17 -18.34
N PHE I 59 -8.03 -22.97 -17.86
CA PHE I 59 -9.42 -22.55 -17.79
C PHE I 59 -9.57 -21.36 -16.86
N LYS I 60 -8.96 -21.41 -15.66
CA LYS I 60 -9.02 -20.32 -14.68
C LYS I 60 -8.50 -19.02 -15.27
N ARG I 61 -7.29 -19.04 -15.84
CA ARG I 61 -6.65 -17.90 -16.47
C ARG I 61 -7.55 -17.26 -17.53
N THR I 62 -8.17 -18.09 -18.37
CA THR I 62 -9.01 -17.66 -19.46
C THR I 62 -10.25 -16.95 -18.96
N ILE I 63 -10.97 -17.57 -18.01
CA ILE I 63 -12.21 -16.99 -17.49
C ILE I 63 -11.93 -15.72 -16.70
N GLN I 64 -10.90 -15.76 -15.84
CA GLN I 64 -10.51 -14.64 -15.00
C GLN I 64 -10.17 -13.41 -15.83
N GLY I 65 -9.47 -13.62 -16.93
CA GLY I 65 -9.07 -12.51 -17.78
C GLY I 65 -9.93 -12.25 -18.98
N SER I 66 -11.05 -13.02 -19.14
CA SER I 66 -11.98 -12.96 -20.28
C SER I 66 -11.19 -13.01 -21.59
N ILE I 67 -10.22 -13.92 -21.65
CA ILE I 67 -9.30 -14.04 -22.76
C ILE I 67 -9.97 -14.70 -23.94
N GLU I 68 -9.83 -14.09 -25.11
CA GLU I 68 -10.42 -14.62 -26.33
C GLU I 68 -9.30 -15.07 -27.24
N TYR I 69 -9.38 -16.32 -27.69
CA TYR I 69 -8.35 -16.90 -28.54
C TYR I 69 -8.84 -17.11 -29.97
N SER I 70 -7.91 -17.22 -30.92
CA SER I 70 -8.24 -17.47 -32.30
C SER I 70 -7.45 -18.68 -32.80
N CYS I 71 -8.09 -19.54 -33.60
CA CYS I 71 -7.41 -20.72 -34.10
C CYS I 71 -6.71 -20.47 -35.41
N PRO I 72 -5.40 -20.78 -35.48
CA PRO I 72 -4.65 -20.55 -36.72
C PRO I 72 -4.91 -21.60 -37.80
N ALA I 73 -5.31 -22.84 -37.40
CA ALA I 73 -5.53 -23.89 -38.38
C ALA I 73 -7.04 -23.94 -38.83
N SER I 74 -7.97 -24.71 -38.21
CA SER I 74 -9.37 -24.71 -38.65
C SER I 74 -10.33 -25.20 -37.57
N ASN I 75 -10.17 -24.70 -36.35
CA ASN I 75 -11.02 -25.00 -35.21
C ASN I 75 -11.23 -26.49 -34.91
N GLU I 76 -10.20 -27.31 -35.16
CA GLU I 76 -10.28 -28.74 -34.85
C GLU I 76 -8.92 -29.35 -34.53
N CYS I 77 -8.10 -28.63 -33.76
CA CYS I 77 -6.78 -29.08 -33.36
C CYS I 77 -6.90 -30.17 -32.32
N GLU I 78 -6.01 -31.14 -32.36
CA GLU I 78 -6.05 -32.26 -31.43
C GLU I 78 -5.46 -31.88 -30.09
N ILE I 79 -6.29 -31.86 -29.05
CA ILE I 79 -5.86 -31.45 -27.72
C ILE I 79 -5.42 -32.63 -26.88
N THR I 80 -4.12 -32.81 -26.71
CA THR I 80 -3.55 -33.93 -25.98
C THR I 80 -2.50 -33.47 -24.97
N LYS I 81 -1.98 -34.38 -24.11
CA LYS I 81 -0.94 -34.02 -23.14
C LYS I 81 0.28 -33.37 -23.81
N ARG I 82 0.64 -33.84 -24.99
CA ARG I 82 1.81 -33.32 -25.69
C ARG I 82 1.52 -32.18 -26.66
N ARG I 83 0.24 -31.86 -26.92
CA ARG I 83 -0.09 -30.78 -27.85
C ARG I 83 -0.99 -29.70 -27.28
N ARG I 84 -1.43 -29.81 -26.01
CA ARG I 84 -2.34 -28.87 -25.39
C ARG I 84 -1.89 -27.41 -25.50
N LYS I 85 -0.56 -27.17 -25.47
CA LYS I 85 0.01 -25.82 -25.56
C LYS I 85 0.00 -25.23 -26.98
N ALA I 86 -0.30 -26.04 -28.02
CA ALA I 86 -0.30 -25.60 -29.40
C ALA I 86 -1.48 -24.71 -29.78
N CYS I 87 -2.72 -25.09 -29.39
CA CYS I 87 -3.87 -24.25 -29.71
C CYS I 87 -4.74 -23.91 -28.53
N GLN I 88 -4.60 -22.67 -28.08
CA GLN I 88 -5.37 -22.16 -26.96
C GLN I 88 -6.84 -22.09 -27.31
N ALA I 89 -7.18 -21.65 -28.52
CA ALA I 89 -8.57 -21.52 -28.94
C ALA I 89 -9.30 -22.88 -28.88
N CYS I 90 -8.66 -23.92 -29.43
CA CYS I 90 -9.23 -25.26 -29.45
C CYS I 90 -9.24 -25.92 -28.06
N ARG I 91 -8.25 -25.61 -27.24
CA ARG I 91 -8.17 -26.15 -25.90
C ARG I 91 -9.28 -25.56 -25.03
N PHE I 92 -9.54 -24.25 -25.17
CA PHE I 92 -10.60 -23.61 -24.39
C PHE I 92 -11.95 -24.09 -24.84
N THR I 93 -12.13 -24.29 -26.15
CA THR I 93 -13.39 -24.80 -26.68
C THR I 93 -13.62 -26.23 -26.20
N LYS I 94 -12.55 -27.04 -26.14
CA LYS I 94 -12.67 -28.41 -25.64
C LYS I 94 -13.05 -28.42 -24.16
N CYS I 95 -12.58 -27.43 -23.38
CA CYS I 95 -12.89 -27.28 -21.95
C CYS I 95 -14.39 -27.16 -21.78
N LEU I 96 -14.99 -26.25 -22.55
CA LEU I 96 -16.41 -26.01 -22.48
C LEU I 96 -17.18 -27.21 -23.00
N ARG I 97 -16.72 -27.80 -24.10
CA ARG I 97 -17.35 -28.97 -24.70
C ARG I 97 -17.41 -30.14 -23.73
N VAL I 98 -16.33 -30.41 -23.01
CA VAL I 98 -16.27 -31.53 -22.05
C VAL I 98 -17.06 -31.27 -20.74
N GLY I 99 -17.45 -30.02 -20.49
CA GLY I 99 -18.29 -29.69 -19.35
C GLY I 99 -17.74 -28.77 -18.27
N MET I 100 -16.59 -28.09 -18.52
CA MET I 100 -16.05 -27.18 -17.50
C MET I 100 -16.97 -26.00 -17.33
N LEU I 101 -17.29 -25.69 -16.09
CA LEU I 101 -18.21 -24.60 -15.81
C LEU I 101 -17.50 -23.28 -15.51
N LYS I 102 -17.78 -22.24 -16.30
CA LYS I 102 -17.18 -20.92 -16.06
C LYS I 102 -17.66 -20.32 -14.73
N GLU I 103 -18.79 -20.79 -14.20
CA GLU I 103 -19.30 -20.35 -12.90
C GLU I 103 -18.40 -20.84 -11.73
N GLY I 104 -17.55 -21.84 -11.98
CA GLY I 104 -16.63 -22.40 -11.00
C GLY I 104 -15.45 -21.50 -10.69
N VAL I 105 -15.13 -20.58 -11.62
CA VAL I 105 -14.04 -19.64 -11.46
C VAL I 105 -14.57 -18.43 -10.70
N ARG I 106 -14.06 -18.21 -9.48
CA ARG I 106 -14.52 -17.14 -8.60
C ARG I 106 -14.02 -15.78 -9.05
N LEU I 107 -14.96 -14.84 -9.26
CA LEU I 107 -14.64 -13.47 -9.67
C LEU I 107 -14.06 -12.69 -8.51
N ASP I 108 -14.57 -12.93 -7.27
CA ASP I 108 -14.08 -12.26 -6.05
C ASP I 108 -12.75 -12.85 -5.53
N ARG I 109 -12.30 -13.98 -6.12
CA ARG I 109 -11.06 -14.66 -5.81
C ARG I 109 -11.00 -15.13 -4.38
N VAL I 110 -12.16 -15.46 -3.78
CA VAL I 110 -12.22 -15.98 -2.42
C VAL I 110 -11.50 -17.35 -2.39
N ARG I 111 -10.70 -17.60 -1.35
CA ARG I 111 -9.90 -18.81 -1.30
C ARG I 111 -10.53 -19.96 -0.54
N GLY I 112 -10.12 -21.17 -0.89
CA GLY I 112 -10.54 -22.39 -0.25
C GLY I 112 -12.03 -22.66 -0.15
N GLY I 113 -12.35 -23.68 0.64
CA GLY I 113 -13.72 -24.08 0.92
C GLY I 113 -14.41 -24.82 -0.20
N ARG I 114 -15.74 -24.73 -0.22
CA ARG I 114 -16.53 -25.37 -1.27
C ARG I 114 -17.42 -24.36 -1.96
N GLN I 115 -17.50 -24.49 -3.27
CA GLN I 115 -18.27 -23.57 -4.08
C GLN I 115 -19.63 -24.09 -4.42
N LYS I 116 -20.59 -23.19 -4.67
CA LYS I 116 -21.93 -23.60 -5.05
C LYS I 116 -22.12 -23.49 -6.57
N TYR I 117 -22.92 -24.43 -7.13
CA TYR I 117 -23.27 -24.50 -8.55
C TYR I 117 -24.80 -24.47 -8.74
N LYS I 118 -25.28 -24.25 -9.99
CA LYS I 118 -26.71 -24.21 -10.29
C LYS I 118 -26.97 -24.60 -11.75
N LEU J 30 2.54 43.38 25.30
CA LEU J 30 2.46 44.33 24.18
C LEU J 30 3.57 44.13 23.12
N PRO J 31 4.90 44.14 23.43
CA PRO J 31 5.90 43.95 22.35
C PRO J 31 5.76 42.60 21.69
N LYS J 32 5.80 42.55 20.35
CA LYS J 32 5.60 41.28 19.62
C LYS J 32 6.69 40.25 19.86
N ARG J 33 6.29 38.97 19.94
CA ARG J 33 7.22 37.87 20.16
C ARG J 33 8.13 37.76 18.95
N LEU J 34 9.42 37.73 19.17
CA LEU J 34 10.39 37.65 18.08
C LEU J 34 11.09 36.31 18.02
N CYS J 35 11.52 35.92 16.81
CA CYS J 35 12.26 34.70 16.60
C CYS J 35 13.62 34.86 17.27
N LEU J 36 13.96 33.94 18.15
CA LEU J 36 15.25 33.98 18.83
C LEU J 36 16.42 33.74 17.89
N VAL J 37 16.18 33.24 16.67
CA VAL J 37 17.25 32.98 15.71
C VAL J 37 17.52 34.17 14.79
N CYS J 38 16.52 34.70 14.06
CA CYS J 38 16.77 35.77 13.11
C CYS J 38 16.18 37.14 13.50
N GLY J 39 15.27 37.17 14.47
CA GLY J 39 14.67 38.44 14.87
C GLY J 39 13.51 38.89 14.01
N ASP J 40 12.96 37.96 13.19
CA ASP J 40 11.75 38.16 12.39
C ASP J 40 10.61 37.87 13.36
N VAL J 41 9.37 38.29 13.04
CA VAL J 41 8.22 38.03 13.90
C VAL J 41 7.99 36.53 14.05
N ALA J 42 8.09 36.03 15.29
CA ALA J 42 7.92 34.60 15.58
C ALA J 42 6.50 34.21 15.33
N SER J 43 6.29 33.04 14.70
CA SER J 43 4.97 32.51 14.43
C SER J 43 4.47 31.58 15.55
N GLY J 44 5.34 31.21 16.49
CA GLY J 44 5.00 30.33 17.59
C GLY J 44 6.22 29.70 18.22
N TYR J 45 6.02 28.61 18.96
CA TYR J 45 7.13 27.92 19.60
C TYR J 45 7.46 26.66 18.82
N HIS J 46 8.39 26.79 17.90
CA HIS J 46 8.80 25.69 17.06
C HIS J 46 10.04 25.05 17.64
N TYR J 47 9.98 23.73 17.86
CA TYR J 47 11.06 22.91 18.41
C TYR J 47 11.59 23.40 19.74
N GLY J 48 10.72 23.99 20.54
CA GLY J 48 11.09 24.47 21.87
C GLY J 48 11.27 25.96 22.01
N VAL J 49 11.60 26.66 20.91
CA VAL J 49 11.87 28.11 21.02
C VAL J 49 10.91 28.98 20.22
N ALA J 50 10.80 30.27 20.62
CA ALA J 50 10.01 31.29 19.91
C ALA J 50 10.72 31.48 18.58
N SER J 51 10.15 30.91 17.54
CA SER J 51 10.76 30.92 16.22
C SER J 51 9.78 31.36 15.14
N CYS J 52 10.30 31.79 13.99
CA CYS J 52 9.50 32.15 12.82
C CYS J 52 9.38 30.94 11.88
N GLU J 53 8.50 31.02 10.86
CA GLU J 53 8.33 29.90 9.93
C GLU J 53 9.61 29.58 9.16
N ALA J 54 10.35 30.63 8.76
CA ALA J 54 11.59 30.44 7.99
C ALA J 54 12.63 29.59 8.74
N CYS J 55 12.92 29.94 10.00
CA CYS J 55 13.89 29.20 10.80
C CYS J 55 13.39 27.82 11.16
N LYS J 56 12.07 27.66 11.38
CA LYS J 56 11.46 26.36 11.69
C LYS J 56 11.70 25.38 10.55
N ALA J 57 11.45 25.82 9.31
CA ALA J 57 11.64 24.96 8.15
C ALA J 57 13.10 24.65 7.94
N PHE J 58 13.98 25.64 8.13
CA PHE J 58 15.43 25.48 7.99
C PHE J 58 15.94 24.41 8.97
N PHE J 59 15.53 24.50 10.23
CA PHE J 59 15.91 23.53 11.24
C PHE J 59 15.39 22.14 10.87
N LYS J 60 14.11 22.01 10.47
CA LYS J 60 13.52 20.74 10.08
C LYS J 60 14.29 20.10 8.93
N ARG J 61 14.53 20.84 7.83
CA ARG J 61 15.23 20.27 6.68
C ARG J 61 16.65 19.84 7.00
N THR J 62 17.32 20.58 7.89
CA THR J 62 18.67 20.26 8.33
C THR J 62 18.71 18.95 9.11
N ILE J 63 17.84 18.80 10.13
CA ILE J 63 17.80 17.60 10.95
C ILE J 63 17.35 16.41 10.15
N GLN J 64 16.28 16.58 9.35
CA GLN J 64 15.73 15.52 8.52
C GLN J 64 16.75 14.96 7.56
N GLY J 65 17.53 15.85 6.95
CA GLY J 65 18.52 15.41 5.98
C GLY J 65 19.93 15.24 6.51
N SER J 66 20.14 15.44 7.83
CA SER J 66 21.45 15.39 8.49
C SER J 66 22.47 16.23 7.72
N ILE J 67 22.03 17.44 7.33
CA ILE J 67 22.82 18.33 6.51
C ILE J 67 23.89 19.00 7.32
N GLU J 68 25.12 19.00 6.82
CA GLU J 68 26.23 19.62 7.51
C GLU J 68 26.70 20.81 6.72
N TYR J 69 26.79 21.97 7.39
CA TYR J 69 27.18 23.19 6.71
C TYR J 69 28.57 23.66 7.14
N SER J 70 29.20 24.50 6.32
CA SER J 70 30.50 25.06 6.60
C SER J 70 30.44 26.57 6.43
N CYS J 71 31.10 27.30 7.34
CA CYS J 71 31.07 28.76 7.27
C CYS J 71 32.21 29.28 6.45
N PRO J 72 31.92 30.12 5.45
CA PRO J 72 33.01 30.69 4.64
C PRO J 72 33.79 31.81 5.36
N ALA J 73 33.18 32.40 6.42
CA ALA J 73 33.73 33.49 7.21
C ALA J 73 34.51 32.90 8.47
N SER J 74 34.53 33.50 9.71
CA SER J 74 35.23 32.90 10.84
C SER J 74 34.25 32.31 11.89
N ASN J 75 33.03 31.94 11.44
CA ASN J 75 31.96 31.32 12.25
C ASN J 75 31.31 32.28 13.26
N GLU J 76 30.92 33.47 12.82
CA GLU J 76 30.23 34.44 13.67
C GLU J 76 29.42 35.42 12.85
N CYS J 77 28.72 34.91 11.83
CA CYS J 77 27.89 35.72 10.93
C CYS J 77 26.65 36.23 11.67
N GLU J 78 26.23 37.48 11.43
CA GLU J 78 25.05 38.02 12.08
C GLU J 78 23.84 37.36 11.42
N ILE J 79 22.98 36.73 12.23
CA ILE J 79 21.80 36.05 11.71
C ILE J 79 20.59 36.95 11.96
N THR J 80 20.24 37.77 10.96
CA THR J 80 19.07 38.64 10.98
C THR J 80 18.09 38.21 9.84
N LYS J 81 16.91 38.85 9.70
CA LYS J 81 15.99 38.49 8.61
C LYS J 81 16.64 38.73 7.24
N ARG J 82 17.43 39.79 7.11
CA ARG J 82 18.12 40.14 5.88
C ARG J 82 19.31 39.20 5.60
N ARG J 83 19.95 38.66 6.65
CA ARG J 83 21.15 37.83 6.48
C ARG J 83 20.98 36.36 6.83
N ARG J 84 19.76 35.86 7.02
CA ARG J 84 19.59 34.46 7.40
C ARG J 84 20.01 33.53 6.31
N LYS J 85 19.65 33.84 5.05
CA LYS J 85 20.04 32.98 3.92
C LYS J 85 21.54 33.00 3.65
N ALA J 86 22.23 34.08 4.03
CA ALA J 86 23.65 34.19 3.79
C ALA J 86 24.48 33.06 4.39
N CYS J 87 24.35 32.75 5.71
CA CYS J 87 25.15 31.68 6.27
C CYS J 87 24.36 30.58 6.96
N GLN J 88 24.25 29.45 6.26
CA GLN J 88 23.56 28.29 6.76
C GLN J 88 24.25 27.71 7.98
N ALA J 89 25.57 27.65 7.96
CA ALA J 89 26.33 27.10 9.06
C ALA J 89 26.09 27.87 10.36
N CYS J 90 26.16 29.22 10.28
CA CYS J 90 25.94 30.07 11.44
C CYS J 90 24.48 30.10 11.87
N ARG J 91 23.55 29.97 10.93
CA ARG J 91 22.13 29.97 11.24
C ARG J 91 21.77 28.70 11.98
N PHE J 92 22.31 27.55 11.54
CA PHE J 92 22.05 26.29 12.21
C PHE J 92 22.67 26.26 13.57
N THR J 93 23.88 26.81 13.71
CA THR J 93 24.54 26.87 15.01
C THR J 93 23.78 27.79 15.96
N LYS J 94 23.23 28.91 15.44
CA LYS J 94 22.42 29.81 16.26
C LYS J 94 21.13 29.11 16.72
N CYS J 95 20.56 28.21 15.89
CA CYS J 95 19.36 27.45 16.20
C CYS J 95 19.62 26.62 17.46
N LEU J 96 20.72 25.89 17.45
CA LEU J 96 21.08 25.05 18.57
C LEU J 96 21.43 25.87 19.79
N ARG J 97 22.18 26.97 19.60
CA ARG J 97 22.57 27.87 20.67
C ARG J 97 21.37 28.46 21.39
N VAL J 98 20.35 28.89 20.64
CA VAL J 98 19.15 29.49 21.20
C VAL J 98 18.21 28.47 21.88
N GLY J 99 18.41 27.17 21.65
CA GLY J 99 17.65 26.11 22.30
C GLY J 99 16.75 25.23 21.46
N MET J 100 16.89 25.24 20.12
CA MET J 100 16.04 24.38 19.27
C MET J 100 16.42 22.94 19.49
N LEU J 101 15.42 22.09 19.71
CA LEU J 101 15.65 20.67 19.99
C LEU J 101 15.52 19.77 18.77
N LYS J 102 16.58 19.02 18.49
CA LYS J 102 16.71 18.02 17.44
C LYS J 102 15.64 16.91 17.60
N GLU J 103 15.16 16.68 18.83
CA GLU J 103 14.13 15.69 19.16
C GLU J 103 12.72 16.12 18.74
N GLY J 104 12.52 17.42 18.48
CA GLY J 104 11.25 17.95 18.03
C GLY J 104 10.92 17.62 16.58
N VAL J 105 11.94 17.29 15.77
CA VAL J 105 11.80 16.93 14.37
C VAL J 105 11.45 15.43 14.33
N ARG J 106 10.20 15.11 13.94
CA ARG J 106 9.62 13.76 13.87
C ARG J 106 10.21 12.86 12.79
N LEU J 107 10.85 11.76 13.22
CA LEU J 107 11.50 10.79 12.36
C LEU J 107 10.43 10.06 11.53
N ASP J 108 9.31 9.71 12.15
CA ASP J 108 8.21 9.02 11.45
C ASP J 108 7.33 9.94 10.59
N ARG J 109 7.52 11.26 10.72
CA ARG J 109 6.84 12.30 9.98
C ARG J 109 5.34 12.33 10.25
N VAL J 110 4.93 12.14 11.50
CA VAL J 110 3.50 12.17 11.88
C VAL J 110 2.95 13.60 11.80
N ARG J 111 1.71 13.78 11.29
CA ARG J 111 1.13 15.13 11.18
C ARG J 111 0.28 15.52 12.36
N GLY J 112 0.24 16.83 12.65
CA GLY J 112 -0.58 17.41 13.71
C GLY J 112 -0.35 16.86 15.10
N GLY J 113 -1.31 17.10 15.99
CA GLY J 113 -1.23 16.64 17.37
C GLY J 113 -0.38 17.52 18.24
N ARG J 114 0.37 16.94 19.22
CA ARG J 114 1.25 17.75 20.07
C ARG J 114 2.57 17.07 20.48
N GLN J 115 3.72 17.67 20.09
CA GLN J 115 5.06 17.14 20.38
C GLN J 115 5.49 17.31 21.84
N LYS J 116 5.79 16.17 22.52
CA LYS J 116 6.21 16.13 23.94
C LYS J 116 7.75 16.14 24.14
N TYR J 117 8.24 16.75 25.22
CA TYR J 117 9.67 16.82 25.53
C TYR J 117 9.97 16.35 26.98
#